data_8F4O
#
_entry.id   8F4O
#
_cell.length_a   139.264
_cell.length_b   139.264
_cell.length_c   97.905
_cell.angle_alpha   90.000
_cell.angle_beta   90.000
_cell.angle_gamma   120.000
#
_symmetry.space_group_name_H-M   'P 65 2 2'
#
loop_
_entity.id
_entity.type
_entity.pdbx_description
1 polymer 'TPP riboswitch aptamer domain'
2 non-polymer 'IRIDIUM HEXAMMINE ION'
3 non-polymer 'TRIETHYLENE GLYCOL'
4 non-polymer 'TETRAETHYLENE GLYCOL'
#
_entity_poly.entity_id   1
_entity_poly.type   'polyribonucleotide'
_entity_poly.pdbx_seq_one_letter_code
;GCGACUCGGGGUGCCCUUCUGCGUGAAGGCUGAGAAAUACCCGUAUCACCUGAUCUGGAUAAUGCCAGCGUAGGGAAGUC
GCA
;
_entity_poly.pdbx_strand_id   A,B
#